data_3D3D
#
_entry.id   3D3D
#
_cell.length_a   52.200
_cell.length_b   61.081
_cell.length_c   122.447
_cell.angle_alpha   90.00
_cell.angle_beta   90.00
_cell.angle_gamma   90.00
#
_symmetry.space_group_name_H-M   'P 21 21 21'
#
loop_
_entity.id
_entity.type
_entity.pdbx_description
1 polymer Lysozyme
2 branched 2-acetamido-2-deoxy-beta-D-glucopyranose-(1-4)-2-acetamido-2-deoxy-beta-D-glucopyranose-(1-4)-2-acetamido-2-deoxy-beta-D-glucopyranose-(1-4)-2-acetamido-2-deoxy-beta-D-glucopyranose-(1-4)-2-acetamido-2-deoxy-beta-D-glucopyranose-(1-4)-2-acetamido-2-deoxy-beta-D-glucopyranose
3 non-polymer 'SULFATE ION'
4 water water
#
_entity_poly.entity_id   1
_entity_poly.type   'polypeptide(L)'
_entity_poly.pdbx_seq_one_letter_code
;MVEINNQRKAFLDMLAWSEGTDNGRQKTRNHGYDVIVGGELFTDYSDHPRKLVTLNPKLKSTGAGRYQLLSRWWDAYRKQ
LGLKDFSPKSQDAVALQQIKERGALPMIDRGDIRQAIDRCSNIWASLPGAGYGQFEHKADSLIAKFKEAGGTVR
;
_entity_poly.pdbx_strand_id   A,B
#
loop_
_chem_comp.id
_chem_comp.type
_chem_comp.name
_chem_comp.formula
NAG D-saccharide, beta linking 2-acetamido-2-deoxy-beta-D-glucopyranose 'C8 H15 N O6'
SO4 non-polymer 'SULFATE ION' 'O4 S -2'
#
# COMPACT_ATOMS: atom_id res chain seq x y z
N MET A 1 -7.92 -1.73 3.02
CA MET A 1 -8.81 -2.22 1.92
C MET A 1 -9.31 -1.05 1.08
N VAL A 2 -8.96 -1.07 -0.20
CA VAL A 2 -9.32 0.00 -1.13
C VAL A 2 -10.79 0.13 -1.45
N GLU A 3 -11.25 1.38 -1.55
CA GLU A 3 -12.64 1.65 -1.88
C GLU A 3 -12.81 1.39 -3.37
N ILE A 4 -13.85 0.66 -3.71
CA ILE A 4 -14.11 0.35 -5.09
C ILE A 4 -15.11 1.35 -5.62
N ASN A 5 -14.71 2.09 -6.64
CA ASN A 5 -15.62 3.02 -7.28
C ASN A 5 -15.75 2.37 -8.65
N ASN A 6 -16.43 2.99 -9.60
CA ASN A 6 -16.58 2.32 -10.89
C ASN A 6 -15.36 2.35 -11.79
N GLN A 7 -14.56 3.41 -11.72
CA GLN A 7 -13.36 3.46 -12.54
C GLN A 7 -12.54 2.24 -12.17
N ARG A 8 -12.39 2.02 -10.87
CA ARG A 8 -11.62 0.90 -10.37
C ARG A 8 -12.30 -0.43 -10.67
N LYS A 9 -13.62 -0.47 -10.62
CA LYS A 9 -14.33 -1.71 -10.91
C LYS A 9 -14.05 -2.07 -12.35
N ALA A 10 -13.91 -1.04 -13.20
CA ALA A 10 -13.65 -1.24 -14.62
C ALA A 10 -12.20 -1.56 -14.88
N PHE A 11 -11.29 -0.90 -14.18
CA PHE A 11 -9.90 -1.21 -14.40
C PHE A 11 -9.80 -2.70 -14.10
N LEU A 12 -10.51 -3.14 -13.07
CA LEU A 12 -10.48 -4.55 -12.72
C LEU A 12 -10.97 -5.45 -13.86
N ASP A 13 -12.17 -5.20 -14.36
CA ASP A 13 -12.69 -6.02 -15.44
C ASP A 13 -11.76 -5.97 -16.62
N MET A 14 -11.27 -4.79 -16.95
CA MET A 14 -10.34 -4.64 -18.08
C MET A 14 -9.16 -5.55 -17.85
N LEU A 15 -8.68 -5.60 -16.61
CA LEU A 15 -7.57 -6.47 -16.29
C LEU A 15 -7.99 -7.94 -16.37
N ALA A 16 -9.20 -8.25 -15.93
CA ALA A 16 -9.72 -9.62 -15.94
C ALA A 16 -9.72 -10.17 -17.35
N TRP A 17 -9.95 -9.27 -18.31
CA TRP A 17 -10.00 -9.66 -19.73
C TRP A 17 -8.60 -9.63 -20.33
N SER A 18 -7.87 -8.56 -20.02
CA SER A 18 -6.52 -8.40 -20.50
C SER A 18 -5.84 -9.70 -20.13
N GLU A 19 -6.12 -10.09 -18.90
CA GLU A 19 -5.57 -11.30 -18.32
C GLU A 19 -6.28 -12.54 -18.82
N GLY A 20 -7.44 -12.36 -19.45
CA GLY A 20 -8.18 -13.48 -20.00
C GLY A 20 -8.77 -14.46 -19.01
N THR A 21 -9.39 -13.95 -17.97
CA THR A 21 -9.99 -14.79 -16.96
C THR A 21 -11.48 -14.56 -17.06
N ASP A 22 -11.79 -13.36 -17.50
CA ASP A 22 -13.16 -12.92 -17.69
C ASP A 22 -13.06 -12.30 -19.08
N ASN A 23 -12.94 -13.15 -20.11
CA ASN A 23 -12.82 -12.70 -21.49
C ASN A 23 -13.77 -13.40 -22.44
N GLY A 24 -14.77 -14.08 -21.91
CA GLY A 24 -15.74 -14.76 -22.75
C GLY A 24 -15.32 -16.08 -23.35
N ARG A 25 -14.07 -16.19 -23.75
CA ARG A 25 -13.56 -17.44 -24.33
C ARG A 25 -13.38 -18.40 -23.15
N GLN A 26 -12.46 -18.04 -22.25
CA GLN A 26 -12.15 -18.79 -21.03
C GLN A 26 -13.39 -19.28 -20.27
N LYS A 27 -13.47 -20.58 -19.99
CA LYS A 27 -14.61 -21.15 -19.27
C LYS A 27 -14.51 -20.67 -17.81
N THR A 28 -15.65 -20.42 -17.16
CA THR A 28 -15.61 -19.94 -15.77
C THR A 28 -16.95 -20.08 -15.01
N ARG A 29 -16.88 -20.50 -13.76
CA ARG A 29 -18.07 -20.70 -12.91
C ARG A 29 -18.54 -19.42 -12.23
N ASN A 30 -17.65 -18.44 -12.19
CA ASN A 30 -17.93 -17.11 -11.66
C ASN A 30 -17.43 -16.24 -12.81
N HIS A 31 -16.82 -15.09 -12.53
CA HIS A 31 -16.34 -14.30 -13.66
C HIS A 31 -14.83 -14.21 -13.73
N GLY A 32 -14.20 -15.36 -13.85
CA GLY A 32 -12.76 -15.36 -13.92
C GLY A 32 -12.24 -15.45 -12.51
N TYR A 33 -13.13 -15.29 -11.54
CA TYR A 33 -12.73 -15.38 -10.15
C TYR A 33 -12.29 -16.77 -9.80
N ASP A 34 -12.73 -17.73 -10.59
CA ASP A 34 -12.37 -19.12 -10.36
C ASP A 34 -11.38 -19.56 -11.45
N VAL A 35 -11.07 -18.66 -12.37
CA VAL A 35 -10.12 -18.96 -13.42
C VAL A 35 -8.71 -19.01 -12.89
N ILE A 36 -8.02 -20.08 -13.27
CA ILE A 36 -6.63 -20.29 -12.92
C ILE A 36 -5.91 -20.02 -14.24
N VAL A 37 -4.63 -19.67 -14.18
CA VAL A 37 -3.91 -19.41 -15.43
C VAL A 37 -3.88 -20.74 -16.20
N GLY A 38 -3.87 -20.67 -17.52
CA GLY A 38 -3.88 -21.89 -18.32
C GLY A 38 -5.30 -22.25 -18.66
N GLY A 39 -6.25 -21.71 -17.90
CA GLY A 39 -7.65 -21.98 -18.18
C GLY A 39 -8.44 -22.89 -17.24
N GLU A 40 -7.79 -23.73 -16.42
CA GLU A 40 -8.58 -24.60 -15.54
C GLU A 40 -9.29 -23.75 -14.49
N LEU A 41 -10.24 -24.37 -13.79
CA LEU A 41 -10.98 -23.66 -12.77
C LEU A 41 -10.92 -24.25 -11.37
N PHE A 42 -11.19 -23.40 -10.38
CA PHE A 42 -11.22 -23.82 -8.98
C PHE A 42 -12.60 -23.52 -8.39
N THR A 43 -13.02 -24.31 -7.40
CA THR A 43 -14.33 -24.13 -6.81
C THR A 43 -14.31 -23.71 -5.35
N ASP A 44 -13.16 -23.83 -4.69
CA ASP A 44 -13.08 -23.40 -3.30
C ASP A 44 -12.50 -22.00 -3.27
N TYR A 45 -13.22 -21.08 -2.63
CA TYR A 45 -12.81 -19.69 -2.55
C TYR A 45 -12.25 -19.26 -1.21
N SER A 46 -12.19 -20.15 -0.24
CA SER A 46 -11.66 -19.75 1.05
C SER A 46 -10.23 -19.27 0.87
N ASP A 47 -9.60 -19.69 -0.23
CA ASP A 47 -8.23 -19.29 -0.47
C ASP A 47 -7.78 -19.37 -1.94
N HIS A 48 -6.61 -18.80 -2.21
CA HIS A 48 -6.05 -18.82 -3.55
C HIS A 48 -5.89 -20.29 -3.95
N PRO A 49 -6.21 -20.64 -5.20
CA PRO A 49 -6.07 -22.04 -5.60
C PRO A 49 -4.65 -22.57 -5.44
N ARG A 50 -3.67 -21.65 -5.44
CA ARG A 50 -2.28 -22.05 -5.30
C ARG A 50 -1.93 -23.26 -6.17
N LYS A 51 -2.46 -23.27 -7.38
CA LYS A 51 -2.23 -24.31 -8.36
C LYS A 51 -1.20 -23.80 -9.35
N LEU A 52 -0.06 -24.48 -9.45
CA LEU A 52 0.97 -24.10 -10.39
C LEU A 52 0.65 -24.72 -11.75
N VAL A 53 0.14 -23.89 -12.65
CA VAL A 53 -0.24 -24.30 -13.98
C VAL A 53 0.89 -24.16 -14.99
N THR A 54 1.23 -25.27 -15.64
CA THR A 54 2.28 -25.29 -16.64
C THR A 54 1.63 -24.85 -17.95
N LEU A 55 2.04 -23.69 -18.44
CA LEU A 55 1.46 -23.15 -19.66
C LEU A 55 2.07 -23.73 -20.91
N ASN A 56 3.37 -23.55 -21.03
CA ASN A 56 4.11 -24.09 -22.16
C ASN A 56 5.32 -24.83 -21.60
N PRO A 57 6.00 -25.63 -22.41
CA PRO A 57 7.17 -26.42 -21.98
C PRO A 57 8.20 -25.61 -21.16
N LYS A 58 8.42 -24.35 -21.55
CA LYS A 58 9.40 -23.50 -20.91
C LYS A 58 8.86 -22.47 -19.91
N LEU A 59 7.58 -22.52 -19.57
CA LEU A 59 7.04 -21.51 -18.66
C LEU A 59 5.86 -21.96 -17.80
N LYS A 60 5.79 -21.45 -16.56
CA LYS A 60 4.70 -21.79 -15.63
C LYS A 60 4.15 -20.57 -14.87
N SER A 61 2.98 -20.73 -14.26
CA SER A 61 2.36 -19.62 -13.52
C SER A 61 1.38 -20.04 -12.40
N THR A 62 1.35 -19.24 -11.34
CA THR A 62 0.45 -19.45 -10.19
C THR A 62 -0.77 -18.55 -10.34
N GLY A 63 -0.65 -17.59 -11.25
CA GLY A 63 -1.71 -16.64 -11.51
C GLY A 63 -3.08 -17.27 -11.44
N ALA A 64 -3.93 -16.74 -10.59
CA ALA A 64 -5.28 -17.25 -10.42
C ALA A 64 -6.24 -16.15 -10.06
N GLY A 65 -7.52 -16.49 -10.06
CA GLY A 65 -8.52 -15.49 -9.73
C GLY A 65 -8.63 -14.56 -10.89
N ARG A 66 -9.57 -13.65 -10.79
CA ARG A 66 -9.83 -12.69 -11.84
C ARG A 66 -8.58 -12.00 -12.40
N TYR A 67 -7.84 -11.31 -11.54
CA TYR A 67 -6.67 -10.56 -11.99
C TYR A 67 -5.41 -11.40 -12.05
N GLN A 68 -5.59 -12.69 -12.22
CA GLN A 68 -4.46 -13.59 -12.32
C GLN A 68 -3.36 -13.19 -11.34
N LEU A 69 -3.73 -13.15 -10.07
CA LEU A 69 -2.82 -12.76 -9.01
C LEU A 69 -1.84 -13.89 -8.72
N LEU A 70 -0.55 -13.59 -8.77
CA LEU A 70 0.42 -14.61 -8.43
C LEU A 70 0.08 -14.85 -6.96
N SER A 71 0.30 -16.06 -6.47
CA SER A 71 -0.02 -16.33 -5.09
C SER A 71 0.87 -15.49 -4.16
N ARG A 72 2.08 -15.21 -4.61
CA ARG A 72 3.02 -14.43 -3.82
C ARG A 72 2.37 -13.15 -3.31
N TRP A 73 1.78 -12.41 -4.23
CA TRP A 73 1.13 -11.17 -3.89
C TRP A 73 -0.18 -11.40 -3.16
N TRP A 74 -0.83 -12.53 -3.43
CA TRP A 74 -2.06 -12.84 -2.72
C TRP A 74 -1.77 -12.88 -1.24
N ASP A 75 -0.73 -13.62 -0.89
CA ASP A 75 -0.35 -13.73 0.51
C ASP A 75 0.04 -12.37 1.08
N ALA A 76 0.78 -11.61 0.29
CA ALA A 76 1.22 -10.30 0.71
C ALA A 76 0.02 -9.44 1.07
N TYR A 77 -0.86 -9.27 0.09
CA TYR A 77 -2.04 -8.46 0.29
C TYR A 77 -3.11 -9.00 1.22
N ARG A 78 -3.34 -10.30 1.26
CA ARG A 78 -4.37 -10.78 2.15
C ARG A 78 -3.91 -10.54 3.57
N LYS A 79 -2.61 -10.67 3.82
CA LYS A 79 -2.11 -10.41 5.17
C LYS A 79 -2.15 -8.91 5.43
N GLN A 80 -1.61 -8.14 4.49
CA GLN A 80 -1.58 -6.68 4.60
C GLN A 80 -2.97 -6.13 4.89
N LEU A 81 -3.95 -6.65 4.16
CA LEU A 81 -5.33 -6.20 4.29
C LEU A 81 -6.26 -7.10 5.12
N GLY A 82 -5.67 -8.05 5.85
CA GLY A 82 -6.46 -8.93 6.69
C GLY A 82 -7.61 -9.58 5.97
N LEU A 83 -7.38 -9.96 4.72
CA LEU A 83 -8.42 -10.60 3.93
C LEU A 83 -8.67 -12.03 4.39
N LYS A 84 -9.90 -12.32 4.79
CA LYS A 84 -10.23 -13.65 5.27
C LYS A 84 -10.11 -14.72 4.18
N ASP A 85 -11.00 -14.68 3.20
CA ASP A 85 -11.01 -15.63 2.09
C ASP A 85 -10.42 -15.05 0.81
N PHE A 86 -10.49 -15.84 -0.28
CA PHE A 86 -10.00 -15.42 -1.60
C PHE A 86 -11.24 -15.19 -2.43
N SER A 87 -12.29 -14.79 -1.74
CA SER A 87 -13.55 -14.48 -2.38
C SER A 87 -13.25 -13.41 -3.43
N PRO A 88 -14.20 -13.20 -4.35
CA PRO A 88 -13.91 -12.17 -5.33
C PRO A 88 -13.57 -10.88 -4.57
N LYS A 89 -14.19 -10.74 -3.41
CA LYS A 89 -13.96 -9.58 -2.58
C LYS A 89 -12.50 -9.39 -2.30
N SER A 90 -11.89 -10.44 -1.78
CA SER A 90 -10.47 -10.37 -1.48
C SER A 90 -9.65 -10.23 -2.76
N GLN A 91 -10.14 -10.78 -3.87
CA GLN A 91 -9.39 -10.66 -5.12
C GLN A 91 -9.35 -9.24 -5.64
N ASP A 92 -10.41 -8.50 -5.41
CA ASP A 92 -10.46 -7.13 -5.88
C ASP A 92 -9.59 -6.30 -4.96
N ALA A 93 -9.75 -6.57 -3.67
CA ALA A 93 -9.02 -5.88 -2.64
C ALA A 93 -7.57 -5.78 -3.07
N VAL A 94 -7.00 -6.90 -3.49
CA VAL A 94 -5.61 -6.94 -3.91
C VAL A 94 -5.35 -6.13 -5.17
N ALA A 95 -6.07 -6.46 -6.23
CA ALA A 95 -5.92 -5.76 -7.49
C ALA A 95 -5.82 -4.24 -7.26
N LEU A 96 -6.76 -3.72 -6.49
CA LEU A 96 -6.82 -2.28 -6.18
C LEU A 96 -5.65 -1.78 -5.34
N GLN A 97 -5.13 -2.60 -4.43
CA GLN A 97 -4.01 -2.15 -3.60
C GLN A 97 -2.76 -1.97 -4.47
N GLN A 98 -2.57 -2.88 -5.42
CA GLN A 98 -1.43 -2.82 -6.32
C GLN A 98 -1.59 -1.60 -7.19
N ILE A 99 -2.81 -1.47 -7.70
CA ILE A 99 -3.16 -0.35 -8.53
C ILE A 99 -2.85 0.94 -7.75
N LYS A 100 -3.32 1.01 -6.49
CA LYS A 100 -3.09 2.20 -5.67
C LYS A 100 -1.61 2.43 -5.50
N GLU A 101 -0.88 1.34 -5.35
CA GLU A 101 0.56 1.43 -5.16
C GLU A 101 1.27 1.98 -6.37
N ARG A 102 0.78 1.61 -7.56
CA ARG A 102 1.39 2.11 -8.78
C ARG A 102 1.05 3.58 -8.90
N GLY A 103 0.36 4.09 -7.88
CA GLY A 103 -0.04 5.47 -7.89
C GLY A 103 -0.89 5.74 -9.11
N ALA A 104 -1.58 4.71 -9.56
CA ALA A 104 -2.43 4.82 -10.74
C ALA A 104 -3.89 4.97 -10.35
N LEU A 105 -4.20 4.97 -9.05
CA LEU A 105 -5.59 5.14 -8.64
C LEU A 105 -6.01 6.55 -9.04
N PRO A 106 -5.19 7.58 -8.74
CA PRO A 106 -5.64 8.90 -9.16
C PRO A 106 -5.82 8.89 -10.68
N MET A 107 -5.00 8.11 -11.36
CA MET A 107 -5.08 8.02 -12.81
C MET A 107 -6.32 7.27 -13.26
N ILE A 108 -6.59 6.12 -12.63
CA ILE A 108 -7.77 5.33 -12.96
C ILE A 108 -8.98 6.19 -12.64
N ASP A 109 -8.96 6.77 -11.45
CA ASP A 109 -10.04 7.62 -11.00
C ASP A 109 -10.31 8.71 -12.02
N ARG A 110 -9.23 9.30 -12.55
CA ARG A 110 -9.34 10.38 -13.52
C ARG A 110 -9.27 9.99 -14.99
N GLY A 111 -9.47 8.70 -15.27
CA GLY A 111 -9.48 8.25 -16.64
C GLY A 111 -8.17 8.18 -17.39
N ASP A 112 -7.06 8.60 -16.80
CA ASP A 112 -5.77 8.51 -17.50
C ASP A 112 -5.39 7.04 -17.52
N ILE A 113 -6.22 6.26 -18.18
CA ILE A 113 -6.08 4.82 -18.29
C ILE A 113 -4.87 4.32 -19.06
N ARG A 114 -4.38 5.09 -20.02
CA ARG A 114 -3.18 4.66 -20.72
C ARG A 114 -2.13 4.82 -19.65
N GLN A 115 -2.16 5.98 -19.00
CA GLN A 115 -1.22 6.28 -17.95
C GLN A 115 -1.32 5.26 -16.84
N ALA A 116 -2.54 4.80 -16.54
CA ALA A 116 -2.75 3.79 -15.50
C ALA A 116 -2.24 2.44 -15.98
N ILE A 117 -2.63 2.05 -17.18
CA ILE A 117 -2.17 0.79 -17.80
C ILE A 117 -0.65 0.75 -17.85
N ASP A 118 -0.06 1.88 -18.24
CA ASP A 118 1.40 1.99 -18.33
C ASP A 118 1.99 2.00 -16.93
N ARG A 119 1.20 2.54 -16.00
CA ARG A 119 1.59 2.62 -14.61
C ARG A 119 1.45 1.22 -13.99
N CYS A 120 0.45 0.49 -14.44
CA CYS A 120 0.18 -0.87 -13.99
C CYS A 120 0.79 -1.89 -14.92
N SER A 121 1.55 -1.43 -15.90
CA SER A 121 2.16 -2.36 -16.86
C SER A 121 3.00 -3.36 -16.11
N ASN A 122 3.65 -2.97 -15.02
CA ASN A 122 4.46 -3.94 -14.32
C ASN A 122 3.63 -4.88 -13.44
N ILE A 123 2.35 -4.59 -13.26
CA ILE A 123 1.54 -5.47 -12.45
C ILE A 123 0.97 -6.64 -13.27
N TRP A 124 0.51 -6.36 -14.48
CA TRP A 124 -0.04 -7.42 -15.33
C TRP A 124 0.69 -7.51 -16.67
N ALA A 125 1.07 -8.75 -17.02
CA ALA A 125 1.81 -9.03 -18.24
C ALA A 125 1.00 -8.80 -19.52
N SER A 126 -0.31 -8.99 -19.45
CA SER A 126 -1.13 -8.79 -20.63
C SER A 126 -1.25 -7.34 -21.00
N LEU A 127 -0.63 -6.44 -20.22
CA LEU A 127 -0.69 -5.01 -20.51
C LEU A 127 0.54 -4.58 -21.30
N PRO A 128 0.39 -3.64 -22.24
CA PRO A 128 1.47 -3.15 -23.08
C PRO A 128 2.57 -2.42 -22.31
N GLY A 129 3.82 -2.80 -22.59
CA GLY A 129 4.95 -2.18 -21.92
C GLY A 129 5.35 -3.01 -20.72
N ALA A 130 4.46 -3.93 -20.34
CA ALA A 130 4.71 -4.81 -19.21
C ALA A 130 6.12 -5.34 -19.36
N GLY A 131 6.37 -5.91 -20.54
CA GLY A 131 7.68 -6.44 -20.83
C GLY A 131 7.88 -7.83 -20.27
N TYR A 132 6.80 -8.58 -20.12
CA TYR A 132 6.91 -9.93 -19.57
C TYR A 132 6.94 -10.97 -20.69
N GLY A 133 7.21 -10.52 -21.90
CA GLY A 133 7.24 -11.44 -23.01
C GLY A 133 5.91 -12.13 -23.20
N GLN A 134 4.94 -11.82 -22.35
CA GLN A 134 3.62 -12.41 -22.49
C GLN A 134 2.96 -11.71 -23.65
N PHE A 135 1.85 -12.25 -24.10
CA PHE A 135 1.11 -11.62 -25.19
C PHE A 135 0.59 -10.31 -24.60
N GLU A 136 1.15 -9.19 -25.06
CA GLU A 136 0.73 -7.89 -24.54
C GLU A 136 -0.33 -7.29 -25.44
N HIS A 137 -1.52 -7.08 -24.88
CA HIS A 137 -2.62 -6.48 -25.60
C HIS A 137 -2.17 -5.10 -26.02
N LYS A 138 -2.65 -4.66 -27.17
CA LYS A 138 -2.29 -3.34 -27.63
C LYS A 138 -3.00 -2.44 -26.61
N ALA A 139 -2.40 -1.30 -26.30
CA ALA A 139 -2.99 -0.39 -25.33
C ALA A 139 -4.41 -0.02 -25.77
N ASP A 140 -4.60 0.13 -27.07
CA ASP A 140 -5.89 0.50 -27.61
C ASP A 140 -7.00 -0.49 -27.27
N SER A 141 -6.70 -1.79 -27.36
CA SER A 141 -7.71 -2.82 -27.08
C SER A 141 -7.98 -3.01 -25.59
N LEU A 142 -7.11 -2.49 -24.75
CA LEU A 142 -7.32 -2.59 -23.31
C LEU A 142 -8.25 -1.45 -22.94
N ILE A 143 -7.93 -0.28 -23.44
CA ILE A 143 -8.73 0.91 -23.22
C ILE A 143 -10.16 0.51 -23.60
N ALA A 144 -10.27 -0.16 -24.75
CA ALA A 144 -11.54 -0.63 -25.30
C ALA A 144 -12.33 -1.50 -24.32
N LYS A 145 -11.72 -2.59 -23.86
CA LYS A 145 -12.38 -3.50 -22.92
C LYS A 145 -12.70 -2.77 -21.64
N PHE A 146 -11.76 -1.93 -21.19
CA PHE A 146 -11.93 -1.14 -19.98
C PHE A 146 -13.21 -0.35 -20.13
N LYS A 147 -13.29 0.38 -21.23
CA LYS A 147 -14.45 1.17 -21.52
C LYS A 147 -15.71 0.31 -21.46
N GLU A 148 -15.61 -0.95 -21.92
CA GLU A 148 -16.81 -1.80 -21.88
C GLU A 148 -17.03 -2.44 -20.54
N ALA A 149 -16.12 -2.20 -19.61
CA ALA A 149 -16.29 -2.72 -18.28
C ALA A 149 -17.06 -1.63 -17.51
N GLY A 150 -17.21 -0.49 -18.17
CA GLY A 150 -17.91 0.62 -17.56
C GLY A 150 -16.96 1.76 -17.26
N GLY A 151 -15.67 1.49 -17.39
CA GLY A 151 -14.71 2.53 -17.12
C GLY A 151 -14.79 3.69 -18.10
N THR A 152 -14.23 4.82 -17.69
CA THR A 152 -14.20 6.02 -18.52
C THR A 152 -12.76 6.43 -18.68
N VAL A 153 -12.43 6.92 -19.88
CA VAL A 153 -11.07 7.32 -20.20
C VAL A 153 -10.95 8.82 -20.44
N ARG A 154 -9.75 9.25 -20.81
CA ARG A 154 -9.44 10.64 -21.14
C ARG A 154 -9.64 11.63 -19.99
N MET B 1 10.74 14.40 25.89
CA MET B 1 9.77 13.37 26.41
C MET B 1 8.42 14.01 26.80
N VAL B 2 7.39 13.70 26.02
CA VAL B 2 6.04 14.17 26.28
C VAL B 2 5.35 12.99 26.99
N GLU B 3 4.67 13.24 28.10
CA GLU B 3 4.01 12.16 28.83
C GLU B 3 3.14 11.31 27.90
N ILE B 4 3.34 10.00 27.93
CA ILE B 4 2.59 9.12 27.06
C ILE B 4 1.41 8.45 27.75
N ASN B 5 0.48 7.93 26.95
CA ASN B 5 -0.69 7.22 27.45
C ASN B 5 -1.11 6.23 26.38
N ASN B 6 -2.08 5.37 26.68
CA ASN B 6 -2.48 4.38 25.68
C ASN B 6 -2.91 5.03 24.37
N GLN B 7 -3.59 6.16 24.45
CA GLN B 7 -4.03 6.85 23.25
C GLN B 7 -2.86 7.27 22.38
N ARG B 8 -1.83 7.82 23.00
CA ARG B 8 -0.66 8.27 22.27
C ARG B 8 0.17 7.11 21.74
N LYS B 9 0.31 6.06 22.53
CA LYS B 9 1.07 4.94 22.01
C LYS B 9 0.36 4.43 20.76
N ALA B 10 -0.93 4.14 20.92
CA ALA B 10 -1.74 3.64 19.81
C ALA B 10 -1.53 4.52 18.59
N PHE B 11 -1.44 5.84 18.82
CA PHE B 11 -1.25 6.78 17.73
C PHE B 11 0.09 6.57 17.06
N LEU B 12 1.17 6.53 17.84
CA LEU B 12 2.50 6.29 17.28
C LEU B 12 2.43 4.96 16.56
N ASP B 13 1.75 4.01 17.20
CA ASP B 13 1.59 2.67 16.66
C ASP B 13 1.02 2.72 15.28
N MET B 14 -0.03 3.51 15.12
CA MET B 14 -0.66 3.68 13.82
C MET B 14 0.36 4.33 12.88
N LEU B 15 1.02 5.39 13.35
CA LEU B 15 2.02 6.07 12.53
C LEU B 15 3.09 5.11 12.04
N ALA B 16 3.54 4.24 12.92
CA ALA B 16 4.56 3.26 12.60
C ALA B 16 4.08 2.50 11.37
N TRP B 17 2.85 2.01 11.46
CA TRP B 17 2.22 1.26 10.40
C TRP B 17 2.05 2.09 9.13
N SER B 18 1.50 3.30 9.26
CA SER B 18 1.30 4.18 8.11
C SER B 18 2.59 4.41 7.34
N GLU B 19 3.62 4.83 8.05
CA GLU B 19 4.91 5.12 7.45
C GLU B 19 5.63 3.88 6.90
N GLY B 20 4.92 2.78 6.80
CA GLY B 20 5.53 1.57 6.28
C GLY B 20 6.69 1.06 7.10
N THR B 21 6.70 1.34 8.40
CA THR B 21 7.78 0.88 9.23
C THR B 21 7.37 -0.31 10.09
N ASP B 22 6.25 -0.18 10.80
CA ASP B 22 5.74 -1.27 11.65
C ASP B 22 4.42 -1.77 11.07
N ASN B 23 4.49 -2.36 9.87
CA ASN B 23 3.31 -2.83 9.16
C ASN B 23 3.17 -4.34 8.90
N GLY B 24 4.08 -5.15 9.43
CA GLY B 24 3.99 -6.59 9.23
C GLY B 24 4.49 -7.09 7.89
N ARG B 25 5.10 -6.21 7.10
CA ARG B 25 5.65 -6.59 5.81
C ARG B 25 7.08 -6.06 5.78
N GLN B 26 7.19 -4.76 6.01
CA GLN B 26 8.47 -4.08 6.05
C GLN B 26 9.37 -4.72 7.07
N LYS B 27 10.50 -5.25 6.60
CA LYS B 27 11.46 -5.86 7.50
C LYS B 27 11.76 -4.80 8.54
N THR B 28 11.79 -5.21 9.79
CA THR B 28 12.11 -4.32 10.88
C THR B 28 12.44 -5.16 12.08
N ARG B 29 13.44 -4.71 12.82
CA ARG B 29 13.91 -5.38 14.00
C ARG B 29 13.20 -4.79 15.19
N ASN B 30 12.93 -3.50 15.08
CA ASN B 30 12.29 -2.81 16.16
C ASN B 30 11.02 -2.08 15.75
N HIS B 31 9.98 -2.84 15.44
CA HIS B 31 8.70 -2.25 15.07
C HIS B 31 8.85 -0.97 14.26
N GLY B 32 9.64 -1.05 13.20
CA GLY B 32 9.83 0.10 12.33
C GLY B 32 10.67 1.23 12.87
N TYR B 33 11.22 1.09 14.07
CA TYR B 33 12.03 2.18 14.64
C TYR B 33 13.36 2.32 13.89
N ASP B 34 13.73 1.26 13.18
CA ASP B 34 14.99 1.23 12.47
C ASP B 34 14.83 1.38 10.97
N VAL B 35 13.62 1.62 10.50
CA VAL B 35 13.44 1.73 9.07
C VAL B 35 13.90 3.05 8.48
N ILE B 36 14.69 2.98 7.41
CA ILE B 36 15.13 4.17 6.70
C ILE B 36 14.15 4.19 5.56
N VAL B 37 13.88 5.36 5.01
CA VAL B 37 12.98 5.44 3.88
C VAL B 37 13.57 4.51 2.79
N GLY B 38 12.72 3.93 1.96
CA GLY B 38 13.21 3.05 0.92
C GLY B 38 13.12 1.59 1.31
N GLY B 39 13.02 1.33 2.61
CA GLY B 39 12.92 -0.04 3.07
C GLY B 39 14.19 -0.54 3.73
N GLU B 40 15.32 0.13 3.45
CA GLU B 40 16.57 -0.22 4.09
C GLU B 40 16.45 0.12 5.57
N LEU B 41 17.23 -0.57 6.39
CA LEU B 41 17.20 -0.31 7.82
C LEU B 41 18.58 0.15 8.30
N PHE B 42 18.60 0.88 9.40
CA PHE B 42 19.85 1.31 9.98
C PHE B 42 19.92 0.62 11.32
N THR B 43 21.10 0.53 11.89
CA THR B 43 21.26 -0.18 13.15
C THR B 43 21.74 0.75 14.23
N ASP B 44 22.12 1.96 13.82
CA ASP B 44 22.67 2.94 14.73
C ASP B 44 21.68 4.05 15.09
N TYR B 45 21.12 3.93 16.30
CA TYR B 45 20.14 4.89 16.80
C TYR B 45 20.78 6.05 17.55
N SER B 46 22.11 6.14 17.52
CA SER B 46 22.80 7.22 18.22
C SER B 46 22.43 8.53 17.59
N ASP B 47 22.14 8.45 16.30
CA ASP B 47 21.77 9.63 15.56
C ASP B 47 20.97 9.20 14.34
N HIS B 48 20.32 10.16 13.70
CA HIS B 48 19.56 9.88 12.51
C HIS B 48 20.60 9.48 11.44
N PRO B 49 20.38 8.33 10.77
CA PRO B 49 21.24 7.77 9.71
C PRO B 49 21.72 8.75 8.63
N ARG B 50 20.95 9.80 8.38
CA ARG B 50 21.33 10.80 7.39
C ARG B 50 21.65 10.19 6.03
N LYS B 51 21.03 9.06 5.72
CA LYS B 51 21.23 8.46 4.42
C LYS B 51 20.20 9.13 3.52
N LEU B 52 20.67 9.72 2.44
CA LEU B 52 19.82 10.40 1.48
C LEU B 52 19.37 9.42 0.40
N VAL B 53 18.51 8.49 0.79
CA VAL B 53 18.01 7.47 -0.12
C VAL B 53 17.32 8.06 -1.33
N THR B 54 17.90 7.81 -2.50
CA THR B 54 17.33 8.29 -3.75
C THR B 54 16.25 7.29 -4.17
N LEU B 55 15.02 7.63 -3.81
CA LEU B 55 13.87 6.78 -4.08
C LEU B 55 13.38 6.72 -5.51
N ASN B 56 13.66 7.76 -6.26
CA ASN B 56 13.24 7.85 -7.65
C ASN B 56 14.34 8.71 -8.23
N PRO B 57 14.91 8.34 -9.39
CA PRO B 57 15.99 9.12 -10.02
C PRO B 57 15.71 10.62 -9.96
N LYS B 58 14.46 10.96 -9.67
CA LYS B 58 14.03 12.35 -9.55
C LYS B 58 13.66 12.80 -8.13
N LEU B 59 13.71 11.89 -7.15
CA LEU B 59 13.33 12.19 -5.77
C LEU B 59 14.16 11.46 -4.70
N LYS B 60 14.58 12.21 -3.68
CA LYS B 60 15.35 11.66 -2.57
C LYS B 60 14.71 12.08 -1.24
N SER B 61 14.92 11.28 -0.21
CA SER B 61 14.38 11.59 1.11
C SER B 61 15.40 11.12 2.12
N THR B 62 15.47 11.76 3.29
CA THR B 62 16.44 11.33 4.29
C THR B 62 15.76 10.65 5.50
N GLY B 63 14.43 10.66 5.48
CA GLY B 63 13.62 10.13 6.57
C GLY B 63 13.97 8.76 7.11
N ALA B 64 14.05 8.67 8.43
CA ALA B 64 14.38 7.43 9.11
C ALA B 64 13.72 7.36 10.46
N GLY B 65 13.61 6.15 11.00
CA GLY B 65 13.00 5.96 12.30
C GLY B 65 11.60 5.41 12.14
N ARG B 66 11.01 5.00 13.26
CA ARG B 66 9.67 4.43 13.21
C ARG B 66 8.74 5.44 12.61
N TYR B 67 9.09 6.71 12.79
CA TYR B 67 8.27 7.81 12.29
C TYR B 67 8.93 8.53 11.12
N GLN B 68 9.81 7.83 10.42
CA GLN B 68 10.48 8.38 9.24
C GLN B 68 10.82 9.88 9.34
N LEU B 69 11.56 10.22 10.39
CA LEU B 69 11.94 11.60 10.65
C LEU B 69 13.10 12.02 9.75
N LEU B 70 12.97 13.15 9.07
CA LEU B 70 14.05 13.65 8.22
C LEU B 70 15.22 14.11 9.07
N SER B 71 16.38 14.31 8.44
CA SER B 71 17.57 14.76 9.16
C SER B 71 17.46 16.22 9.58
N ARG B 72 17.00 17.04 8.65
CA ARG B 72 16.83 18.45 8.92
C ARG B 72 16.09 18.65 10.22
N TRP B 73 14.99 17.90 10.39
CA TRP B 73 14.16 18.00 11.58
C TRP B 73 14.72 17.29 12.79
N TRP B 74 15.51 16.25 12.56
CA TRP B 74 16.13 15.56 13.67
C TRP B 74 17.09 16.56 14.30
N ASP B 75 17.87 17.20 13.45
CA ASP B 75 18.83 18.17 13.94
C ASP B 75 18.20 19.18 14.87
N ALA B 76 17.13 19.82 14.41
CA ALA B 76 16.50 20.79 15.24
C ALA B 76 16.00 20.22 16.56
N TYR B 77 15.13 19.21 16.49
CA TYR B 77 14.57 18.59 17.70
C TYR B 77 15.59 18.05 18.66
N ARG B 78 16.64 17.48 18.10
CA ARG B 78 17.70 16.96 18.93
C ARG B 78 18.04 18.10 19.91
N LYS B 79 18.42 19.22 19.31
CA LYS B 79 18.81 20.45 20.01
C LYS B 79 17.69 21.05 20.85
N GLN B 80 16.51 21.15 20.27
CA GLN B 80 15.37 21.72 20.99
C GLN B 80 15.10 20.95 22.29
N LEU B 81 14.75 19.67 22.15
CA LEU B 81 14.44 18.79 23.27
C LEU B 81 15.65 18.19 23.99
N GLY B 82 16.86 18.47 23.49
CA GLY B 82 18.05 17.92 24.12
C GLY B 82 18.00 16.40 24.03
N LEU B 83 17.81 15.92 22.81
CA LEU B 83 17.73 14.50 22.56
C LEU B 83 19.11 13.93 22.33
N LYS B 84 19.51 13.08 23.28
CA LYS B 84 20.80 12.42 23.29
C LYS B 84 21.03 11.54 22.07
N ASP B 85 20.00 10.78 21.70
CA ASP B 85 20.10 9.84 20.60
C ASP B 85 18.86 9.88 19.70
N PHE B 86 18.79 8.89 18.83
CA PHE B 86 17.69 8.72 17.88
C PHE B 86 16.96 7.42 18.25
N SER B 87 17.01 7.05 19.52
CA SER B 87 16.37 5.82 19.99
C SER B 87 14.85 5.88 19.84
N PRO B 88 14.17 4.75 20.08
CA PRO B 88 12.71 4.72 19.97
C PRO B 88 12.08 5.86 20.76
N LYS B 89 12.63 6.10 21.95
CA LYS B 89 12.15 7.15 22.83
C LYS B 89 12.33 8.53 22.21
N SER B 90 13.50 8.78 21.62
CA SER B 90 13.76 10.06 20.98
C SER B 90 12.88 10.17 19.75
N GLN B 91 12.76 9.06 19.04
CA GLN B 91 11.92 9.00 17.85
C GLN B 91 10.49 9.25 18.30
N ASP B 92 10.09 8.57 19.37
CA ASP B 92 8.77 8.72 19.95
C ASP B 92 8.64 10.16 20.40
N ALA B 93 9.59 10.59 21.21
CA ALA B 93 9.62 11.95 21.72
C ALA B 93 9.49 12.93 20.58
N VAL B 94 10.37 12.88 19.59
CA VAL B 94 10.26 13.81 18.48
C VAL B 94 8.90 13.68 17.82
N ALA B 95 8.48 12.44 17.53
CA ALA B 95 7.17 12.23 16.93
C ALA B 95 6.15 12.92 17.83
N LEU B 96 6.17 12.58 19.11
CA LEU B 96 5.24 13.18 20.08
C LEU B 96 5.42 14.68 20.25
N GLN B 97 6.66 15.17 20.08
CA GLN B 97 6.92 16.60 20.21
C GLN B 97 6.32 17.22 18.97
N GLN B 98 6.68 16.68 17.80
CA GLN B 98 6.14 17.19 16.56
C GLN B 98 4.64 17.14 16.70
N ILE B 99 4.15 16.00 17.19
CA ILE B 99 2.72 15.81 17.41
C ILE B 99 2.21 16.81 18.44
N LYS B 100 3.03 17.17 19.42
CA LYS B 100 2.58 18.13 20.41
C LYS B 100 2.57 19.51 19.81
N GLU B 101 3.51 19.78 18.92
CA GLU B 101 3.59 21.07 18.26
C GLU B 101 2.46 21.25 17.28
N ARG B 102 1.88 20.13 16.86
CA ARG B 102 0.74 20.16 15.94
C ARG B 102 -0.48 20.11 16.85
N GLY B 103 -0.24 20.24 18.15
CA GLY B 103 -1.30 20.21 19.14
C GLY B 103 -2.27 19.05 19.04
N ALA B 104 -1.78 17.92 18.54
CA ALA B 104 -2.63 16.75 18.38
C ALA B 104 -2.80 15.92 19.65
N LEU B 105 -2.14 16.33 20.73
CA LEU B 105 -2.22 15.58 21.98
C LEU B 105 -3.60 15.51 22.62
N PRO B 106 -4.29 16.66 22.76
CA PRO B 106 -5.61 16.49 23.39
C PRO B 106 -6.51 15.62 22.51
N MET B 107 -6.33 15.74 21.20
CA MET B 107 -7.09 14.99 20.24
C MET B 107 -6.90 13.50 20.46
N ILE B 108 -5.64 13.07 20.47
CA ILE B 108 -5.32 11.66 20.66
C ILE B 108 -5.89 11.20 22.01
N ASP B 109 -5.59 11.96 23.05
CA ASP B 109 -6.05 11.68 24.40
C ASP B 109 -7.53 11.36 24.50
N ARG B 110 -8.35 12.19 23.88
CA ARG B 110 -9.80 12.02 23.93
C ARG B 110 -10.41 11.07 22.93
N GLY B 111 -9.60 10.36 22.17
CA GLY B 111 -10.17 9.46 21.20
C GLY B 111 -10.33 10.03 19.81
N ASP B 112 -10.26 11.35 19.67
CA ASP B 112 -10.42 12.00 18.37
C ASP B 112 -9.16 11.81 17.53
N ILE B 113 -9.04 10.61 16.98
CA ILE B 113 -7.89 10.19 16.18
C ILE B 113 -7.81 10.66 14.73
N ARG B 114 -8.94 10.84 14.04
CA ARG B 114 -8.84 11.31 12.65
C ARG B 114 -8.24 12.73 12.66
N GLN B 115 -8.64 13.53 13.65
CA GLN B 115 -8.16 14.90 13.77
C GLN B 115 -6.67 14.90 14.04
N ALA B 116 -6.24 14.00 14.92
CA ALA B 116 -4.83 13.90 15.23
C ALA B 116 -4.09 13.53 13.96
N ILE B 117 -4.59 12.49 13.28
CA ILE B 117 -4.00 12.03 12.04
C ILE B 117 -3.84 13.23 11.11
N ASP B 118 -4.95 13.88 10.82
CA ASP B 118 -4.99 15.04 9.94
C ASP B 118 -4.03 16.12 10.40
N ARG B 119 -4.05 16.38 11.70
CA ARG B 119 -3.19 17.41 12.26
C ARG B 119 -1.72 17.08 11.93
N CYS B 120 -1.35 15.81 12.03
CA CYS B 120 0.02 15.39 11.77
C CYS B 120 0.40 15.16 10.32
N SER B 121 -0.58 15.23 9.42
CA SER B 121 -0.29 14.99 8.02
C SER B 121 0.96 15.68 7.49
N ASN B 122 1.11 16.98 7.71
CA ASN B 122 2.29 17.67 7.18
C ASN B 122 3.59 17.16 7.80
N ILE B 123 3.49 16.24 8.73
CA ILE B 123 4.68 15.69 9.37
C ILE B 123 5.07 14.35 8.73
N TRP B 124 4.09 13.57 8.30
CA TRP B 124 4.33 12.26 7.71
C TRP B 124 3.61 12.10 6.37
N ALA B 125 4.39 11.93 5.30
CA ALA B 125 3.84 11.80 3.96
C ALA B 125 2.91 10.61 3.75
N SER B 126 2.91 9.65 4.66
CA SER B 126 2.05 8.49 4.50
C SER B 126 0.65 8.75 5.05
N LEU B 127 0.53 9.82 5.82
CA LEU B 127 -0.76 10.18 6.40
C LEU B 127 -1.65 10.79 5.31
N PRO B 128 -2.94 10.44 5.33
CA PRO B 128 -3.84 10.97 4.31
C PRO B 128 -3.73 12.48 4.42
N GLY B 129 -3.37 13.15 3.33
CA GLY B 129 -3.29 14.59 3.38
C GLY B 129 -1.91 15.21 3.55
N ALA B 130 -0.90 14.38 3.76
CA ALA B 130 0.45 14.87 3.92
C ALA B 130 0.85 15.77 2.75
N GLY B 131 0.42 15.38 1.55
CA GLY B 131 0.70 16.18 0.37
C GLY B 131 2.13 16.20 -0.15
N TYR B 132 2.88 15.10 0.01
CA TYR B 132 4.19 15.02 -0.52
C TYR B 132 4.20 14.21 -1.89
N GLY B 133 3.00 13.87 -2.44
CA GLY B 133 2.78 13.18 -3.72
C GLY B 133 3.09 11.72 -3.61
N GLN B 134 3.24 11.26 -2.38
CA GLN B 134 3.57 9.90 -2.06
C GLN B 134 2.30 9.05 -1.90
N PHE B 135 2.46 7.73 -1.61
CA PHE B 135 1.31 6.84 -1.39
C PHE B 135 0.66 7.12 -0.07
N GLU B 136 -0.44 7.83 0.11
CA GLU B 136 -0.88 7.99 1.50
C GLU B 136 -1.94 6.98 1.90
N HIS B 137 -1.89 6.56 3.16
CA HIS B 137 -2.81 5.58 3.72
C HIS B 137 -4.21 6.16 3.93
N LYS B 138 -5.15 5.29 4.30
CA LYS B 138 -6.52 5.69 4.56
C LYS B 138 -6.73 5.89 6.04
N ALA B 139 -7.37 6.99 6.42
CA ALA B 139 -7.61 7.25 7.82
C ALA B 139 -8.32 6.06 8.47
N ASP B 140 -9.14 5.37 7.71
CA ASP B 140 -9.89 4.23 8.23
C ASP B 140 -8.96 3.08 8.39
N SER B 141 -8.07 2.90 7.42
CA SER B 141 -7.10 1.82 7.52
C SER B 141 -6.25 2.19 8.73
N LEU B 142 -6.07 3.50 8.90
CA LEU B 142 -5.29 4.06 9.99
C LEU B 142 -6.00 3.95 11.35
N ILE B 143 -7.27 4.32 11.40
CA ILE B 143 -8.04 4.25 12.63
C ILE B 143 -8.10 2.80 13.06
N ALA B 144 -8.37 1.93 12.10
CA ALA B 144 -8.47 0.51 12.38
C ALA B 144 -7.16 0.08 13.00
N LYS B 145 -6.05 0.44 12.37
CA LYS B 145 -4.76 0.06 12.92
C LYS B 145 -4.57 0.67 14.29
N PHE B 146 -5.18 1.83 14.51
CA PHE B 146 -5.10 2.52 15.80
C PHE B 146 -5.89 1.71 16.82
N LYS B 147 -7.11 1.34 16.45
CA LYS B 147 -7.97 0.55 17.33
C LYS B 147 -7.27 -0.76 17.70
N GLU B 148 -6.71 -1.45 16.72
CA GLU B 148 -6.02 -2.71 17.01
C GLU B 148 -4.81 -2.37 17.86
N ALA B 149 -4.39 -1.11 17.82
CA ALA B 149 -3.26 -0.67 18.63
C ALA B 149 -3.76 -0.48 20.06
N GLY B 150 -5.04 -0.76 20.25
CA GLY B 150 -5.66 -0.65 21.55
C GLY B 150 -6.22 0.71 21.91
N GLY B 151 -6.06 1.68 21.03
CA GLY B 151 -6.57 3.00 21.34
C GLY B 151 -8.07 3.09 21.13
N THR B 152 -8.77 3.80 22.00
CA THR B 152 -10.20 3.97 21.83
C THR B 152 -10.34 5.07 20.81
N VAL B 153 -11.55 5.23 20.29
CA VAL B 153 -11.78 6.26 19.30
C VAL B 153 -13.17 6.82 19.50
N ARG B 154 -13.41 8.01 18.93
CA ARG B 154 -14.70 8.67 19.01
C ARG B 154 -15.02 9.26 20.37
C1 NAG C . 4.07 -13.04 -15.14
C2 NAG C . 5.25 -12.58 -14.30
C3 NAG C . 4.74 -11.96 -13.02
C4 NAG C . 3.67 -10.90 -13.30
C5 NAG C . 2.61 -11.40 -14.26
C6 NAG C . 1.69 -10.27 -14.69
C7 NAG C . 7.01 -14.10 -14.84
C8 NAG C . 7.99 -15.16 -14.35
N2 NAG C . 6.09 -13.70 -13.97
O1 NAG C . 4.53 -13.58 -16.32
O3 NAG C . 5.83 -11.37 -12.34
O4 NAG C . 3.05 -10.51 -12.07
O5 NAG C . 3.25 -11.92 -15.45
O6 NAG C . 0.69 -10.71 -15.60
O7 NAG C . 7.10 -13.65 -15.98
C1 NAG C . 3.44 -9.30 -11.55
C2 NAG C . 2.62 -8.98 -10.30
C3 NAG C . 3.07 -7.63 -9.74
C4 NAG C . 4.60 -7.58 -9.56
C5 NAG C . 5.36 -8.09 -10.80
C6 NAG C . 6.82 -8.29 -10.52
C7 NAG C . 0.42 -10.00 -10.28
C8 NAG C . -1.04 -9.98 -10.71
N2 NAG C . 1.20 -8.96 -10.62
O3 NAG C . 2.44 -7.41 -8.49
O4 NAG C . 5.04 -6.24 -9.30
O5 NAG C . 4.82 -9.37 -11.20
O6 NAG C . 7.01 -9.37 -9.61
O7 NAG C . 0.84 -10.95 -9.63
C1 NAG C . 5.22 -5.92 -7.98
C2 NAG C . 6.15 -4.72 -7.86
C3 NAG C . 6.32 -4.42 -6.38
C4 NAG C . 4.96 -4.20 -5.75
C5 NAG C . 3.96 -5.30 -6.05
C6 NAG C . 2.56 -4.85 -5.70
C7 NAG C . 7.73 -4.43 -9.64
C8 NAG C . 9.12 -4.68 -10.23
N2 NAG C . 7.44 -4.99 -8.47
O3 NAG C . 7.09 -3.25 -6.25
O4 NAG C . 5.12 -4.12 -4.34
O5 NAG C . 3.94 -5.59 -7.46
O6 NAG C . 1.92 -5.85 -4.94
O7 NAG C . 6.93 -3.72 -10.27
C1 NAG C . 4.83 -2.89 -3.78
C2 NAG C . 4.96 -3.00 -2.28
C3 NAG C . 4.61 -1.67 -1.68
C4 NAG C . 5.49 -0.58 -2.28
C5 NAG C . 5.57 -0.61 -3.81
C6 NAG C . 6.72 0.23 -4.33
C7 NAG C . 4.56 -5.31 -1.72
C8 NAG C . 3.53 -6.40 -1.38
N2 NAG C . 4.12 -4.05 -1.76
O3 NAG C . 4.83 -1.71 -0.27
O4 NAG C . 4.93 0.65 -1.88
O5 NAG C . 5.77 -1.95 -4.29
O6 NAG C . 6.35 0.92 -5.52
O7 NAG C . 5.73 -5.63 -1.95
C1 NAG C . 5.72 1.48 -1.12
C2 NAG C . 5.05 2.84 -1.08
C3 NAG C . 5.85 3.79 -0.18
C4 NAG C . 6.18 3.14 1.19
C5 NAG C . 6.67 1.68 1.07
C6 NAG C . 6.69 0.98 2.42
C7 NAG C . 3.80 3.28 -3.09
C8 NAG C . 3.63 4.07 -4.39
N2 NAG C . 4.95 3.39 -2.43
O3 NAG C . 5.05 4.94 0.03
O4 NAG C . 7.21 3.91 1.81
O5 NAG C . 5.81 0.91 0.20
O6 NAG C . 7.71 0.00 2.50
O7 NAG C . 2.87 2.59 -2.68
C1 NAG C . 6.85 4.80 2.80
C2 NAG C . 8.12 5.34 3.44
C3 NAG C . 7.82 6.59 4.33
C4 NAG C . 7.00 7.60 3.54
C5 NAG C . 5.74 6.88 3.11
C6 NAG C . 4.64 7.69 2.46
C7 NAG C . 9.77 3.64 3.68
C8 NAG C . 10.31 2.44 4.46
N2 NAG C . 8.74 4.29 4.19
O3 NAG C . 9.02 7.19 4.74
O4 NAG C . 6.72 8.73 4.37
O5 NAG C . 6.10 5.84 2.18
O6 NAG C . 3.69 6.82 1.86
O7 NAG C . 10.31 3.98 2.63
C1 NAG D . 9.19 13.67 2.41
C2 NAG D . 9.21 15.19 2.27
C3 NAG D . 9.71 15.76 3.58
C4 NAG D . 8.79 15.29 4.72
C5 NAG D . 8.56 13.78 4.71
C6 NAG D . 7.41 13.44 5.62
C7 NAG D . 9.47 16.01 0.01
C8 NAG D . 10.39 16.48 -1.11
N2 NAG D . 10.03 15.62 1.16
O1 NAG D . 8.81 13.13 1.20
O3 NAG D . 9.67 17.18 3.51
O4 NAG D . 9.37 15.68 5.97
O5 NAG D . 8.21 13.31 3.39
O6 NAG D . 6.97 12.09 5.41
O7 NAG D . 8.24 16.00 -0.18
C1 NAG D . 8.63 16.55 6.73
C2 NAG D . 9.04 16.44 8.20
C3 NAG D . 8.34 17.51 9.03
C4 NAG D . 8.46 18.89 8.36
C5 NAG D . 8.05 18.86 6.90
C6 NAG D . 8.30 20.20 6.22
C7 NAG D . 9.57 14.43 9.39
C8 NAG D . 9.07 13.25 10.22
N2 NAG D . 8.69 15.13 8.72
O3 NAG D . 8.96 17.55 10.32
O4 NAG D . 7.63 19.84 9.03
O5 NAG D . 8.85 17.87 6.22
O6 NAG D . 8.01 20.17 4.83
O7 NAG D . 10.76 14.70 9.38
C1 NAG D . 8.33 20.78 9.74
C2 NAG D . 7.59 22.09 9.68
C3 NAG D . 8.35 23.13 10.49
C4 NAG D . 8.55 22.63 11.90
C5 NAG D . 9.17 21.23 11.91
C6 NAG D . 9.20 20.61 13.27
C7 NAG D . 6.26 22.51 7.71
C8 NAG D . 6.19 23.10 6.33
N2 NAG D . 7.45 22.48 8.29
O3 NAG D . 7.58 24.33 10.51
O4 NAG D . 9.41 23.52 12.61
O5 NAG D . 8.40 20.35 11.09
O6 NAG D . 9.52 19.24 13.17
O7 NAG D . 5.25 22.10 8.26
C1 NAG D . 8.85 23.98 13.77
C2 NAG D . 9.91 24.55 14.68
C3 NAG D . 9.28 25.09 15.92
C4 NAG D . 8.09 26.00 15.61
C5 NAG D . 7.14 25.41 14.58
C6 NAG D . 6.11 26.40 14.08
C7 NAG D . 12.01 23.42 14.48
C8 NAG D . 12.90 22.32 14.99
N2 NAG D . 10.82 23.48 15.04
O3 NAG D . 10.25 25.83 16.66
O4 NAG D . 7.36 26.19 16.80
O5 NAG D . 7.89 24.97 13.44
O6 NAG D . 4.81 25.83 14.06
O7 NAG D . 12.39 24.19 13.60
C1 NAG D . 7.04 27.49 17.05
C2 NAG D . 6.03 27.50 18.19
C3 NAG D . 5.76 28.93 18.64
C4 NAG D . 7.05 29.75 18.81
C5 NAG D . 8.02 29.56 17.65
C6 NAG D . 9.36 30.21 17.92
C7 NAG D . 4.35 25.75 18.28
C8 NAG D . 3.00 25.25 17.78
N2 NAG D . 4.80 26.88 17.72
O3 NAG D . 5.09 28.86 19.90
O4 NAG D . 6.72 31.14 18.90
O5 NAG D . 8.24 28.16 17.42
O6 NAG D . 10.37 29.71 17.04
O7 NAG D . 4.95 25.13 19.15
C1 NAG D . 6.71 31.69 20.15
C2 NAG D . 6.74 33.23 20.01
C3 NAG D . 6.32 33.94 21.31
C4 NAG D . 5.07 33.28 21.92
C5 NAG D . 5.33 31.80 22.08
C6 NAG D . 4.19 31.06 22.75
C7 NAG D . 8.37 33.93 18.37
C8 NAG D . 9.80 34.32 18.03
N2 NAG D . 8.08 33.65 19.64
O3 NAG D . 6.05 35.31 21.03
O4 NAG D . 4.78 33.87 23.17
O5 NAG D . 5.52 31.21 20.80
O6 NAG D . 4.51 29.68 22.89
O7 NAG D . 7.53 33.87 17.48
S SO4 E . -8.69 5.03 -1.61
O1 SO4 E . -9.65 3.92 -1.61
O2 SO4 E . -9.26 6.17 -0.89
O3 SO4 E . -7.41 4.61 -0.99
O4 SO4 E . -8.41 5.45 -3.00
S SO4 F . -4.97 -7.23 -28.84
O1 SO4 F . -3.59 -6.72 -28.88
O2 SO4 F . -5.01 -8.53 -29.53
O3 SO4 F . -5.42 -7.42 -27.45
O4 SO4 F . -5.88 -6.28 -29.52
S SO4 G . 0.98 -3.83 -33.80
O1 SO4 G . 1.20 -2.87 -32.72
O2 SO4 G . 1.86 -3.50 -34.93
O3 SO4 G . 1.27 -5.20 -33.31
O4 SO4 G . -0.44 -3.77 -34.24
S SO4 H . -4.48 1.68 2.68
O1 SO4 H . -4.67 1.86 1.22
O2 SO4 H . -3.19 1.02 2.99
O3 SO4 H . -4.52 3.00 3.34
O4 SO4 H . -5.55 0.84 3.22
#